data_2JHJ
#
_entry.id   2JHJ
#
_cell.length_a   69.890
_cell.length_b   48.850
_cell.length_c   104.460
_cell.angle_alpha   90.00
_cell.angle_beta   106.07
_cell.angle_gamma   90.00
#
_symmetry.space_group_name_H-M   'P 1 21 1'
#
loop_
_entity.id
_entity.type
_entity.pdbx_description
1 polymer '3-METHYLADENINE DNA-GLYCOSYLASE'
2 non-polymer 'SODIUM ION'
3 non-polymer GLYCEROL
4 water water
#
_entity_poly.entity_id   1
_entity_poly.type   'polypeptide(L)'
_entity_poly.pdbx_seq_one_letter_code
;MWRIELKHAVNWELKMKFFVLPELPTPDVVESGVWRRAIVLDGRAVAVMAYPESERTIVVEGNFENREWEAVRRKLVEYL
GLQNPEELYRFMDGDEKLRMLKNRFYGFGRAGLMSMSVFEGIAKAIIQQQISFVVAEKLAAKIVGRFGDEVEWNGLKFYG
FPTQEAILKAGVEGLRECGLSRRKAELIVEIAKEENLEELKEWGEEEAYEYLTSFKGIGRWTAELVLSMALGKNVFPADD
LGVRRAVSRLYFNGEIQSAEKVREIARERFGRFARDILFYLFLYDRFFSKKTELV
;
_entity_poly.pdbx_strand_id   A,B
#
# COMPACT_ATOMS: atom_id res chain seq x y z
N MET A 1 -22.53 -6.15 19.83
CA MET A 1 -23.93 -6.46 19.41
C MET A 1 -24.80 -5.26 19.74
N TRP A 2 -25.38 -4.70 18.68
CA TRP A 2 -26.29 -3.60 18.81
C TRP A 2 -27.45 -3.89 17.85
N ARG A 3 -28.60 -3.28 18.15
CA ARG A 3 -29.78 -3.37 17.30
C ARG A 3 -30.23 -2.01 16.79
N ILE A 4 -30.59 -1.97 15.51
CA ILE A 4 -31.25 -0.81 14.93
C ILE A 4 -32.71 -1.19 14.70
N GLU A 5 -33.59 -0.54 15.44
CA GLU A 5 -35.00 -0.87 15.43
C GLU A 5 -35.79 0.04 14.49
N LEU A 6 -36.46 -0.57 13.53
CA LEU A 6 -37.15 0.17 12.50
C LEU A 6 -38.64 0.18 12.77
N LYS A 7 -39.28 1.29 12.44
CA LYS A 7 -40.73 1.43 12.49
C LYS A 7 -41.45 0.63 11.37
N HIS A 8 -40.74 0.39 10.26
CA HIS A 8 -41.28 -0.25 9.06
C HIS A 8 -40.40 -1.46 8.62
N ALA A 9 -41.02 -2.51 8.10
CA ALA A 9 -40.25 -3.61 7.50
C ALA A 9 -39.36 -3.05 6.39
N VAL A 10 -38.20 -3.69 6.27
CA VAL A 10 -37.29 -3.46 5.14
C VAL A 10 -36.99 -4.85 4.57
N ASN A 11 -36.94 -4.95 3.24
CA ASN A 11 -36.48 -6.17 2.60
C ASN A 11 -34.95 -6.11 2.40
N TRP A 12 -34.24 -6.73 3.32
CA TRP A 12 -32.78 -6.73 3.33
C TRP A 12 -32.19 -7.31 2.06
N GLU A 13 -32.80 -8.39 1.55
CA GLU A 13 -32.31 -9.03 0.34
C GLU A 13 -32.31 -8.06 -0.86
N LEU A 14 -33.31 -7.19 -0.91
CA LEU A 14 -33.37 -6.16 -1.95
C LEU A 14 -32.34 -5.05 -1.68
N LYS A 15 -32.15 -4.68 -0.41
CA LYS A 15 -31.07 -3.73 -0.07
C LYS A 15 -29.73 -4.27 -0.61
N MET A 16 -29.47 -5.55 -0.33
CA MET A 16 -28.20 -6.17 -0.75
C MET A 16 -28.08 -6.30 -2.25
N LYS A 17 -29.22 -6.43 -2.93
CA LYS A 17 -29.24 -6.64 -4.38
C LYS A 17 -28.73 -5.37 -5.11
N PHE A 18 -28.74 -4.23 -4.41
CA PHE A 18 -28.20 -2.99 -4.99
C PHE A 18 -26.71 -3.09 -5.35
N PHE A 19 -25.96 -3.86 -4.59
CA PHE A 19 -24.54 -4.07 -4.86
C PHE A 19 -24.34 -4.92 -6.13
N VAL A 20 -23.41 -4.51 -6.98
CA VAL A 20 -23.20 -5.19 -8.25
C VAL A 20 -22.29 -6.39 -8.08
N LEU A 21 -21.25 -6.23 -7.27
CA LEU A 21 -20.32 -7.30 -7.00
C LEU A 21 -20.23 -7.44 -5.49
N PRO A 22 -21.24 -8.09 -4.88
CA PRO A 22 -21.31 -8.15 -3.41
C PRO A 22 -20.14 -8.93 -2.78
N GLU A 23 -19.69 -9.97 -3.47
CA GLU A 23 -18.68 -10.85 -2.90
C GLU A 23 -17.27 -10.26 -2.95
N LEU A 24 -17.00 -9.42 -3.96
CA LEU A 24 -15.70 -8.78 -4.12
C LEU A 24 -15.62 -7.53 -3.22
N PRO A 25 -14.50 -7.34 -2.47
CA PRO A 25 -14.44 -6.18 -1.58
C PRO A 25 -14.29 -4.86 -2.33
N THR A 26 -15.41 -4.11 -2.39
CA THR A 26 -15.49 -2.88 -3.19
C THR A 26 -15.65 -1.50 -2.48
N PRO A 27 -15.39 -1.37 -1.16
CA PRO A 27 -14.81 -2.31 -0.17
C PRO A 27 -15.79 -3.28 0.48
N ASP A 28 -17.10 -3.02 0.32
CA ASP A 28 -18.15 -3.78 0.98
C ASP A 28 -18.12 -5.25 0.56
N VAL A 29 -18.31 -6.14 1.51
CA VAL A 29 -18.50 -7.56 1.18
C VAL A 29 -19.83 -7.99 1.75
N VAL A 30 -20.63 -8.64 0.91
CA VAL A 30 -21.88 -9.26 1.35
C VAL A 30 -21.76 -10.76 1.04
N GLU A 31 -21.86 -11.57 2.08
CA GLU A 31 -21.76 -13.04 2.03
C GLU A 31 -22.87 -13.60 2.90
N SER A 32 -23.68 -14.51 2.32
CA SER A 32 -24.81 -15.12 3.04
C SER A 32 -25.69 -14.10 3.77
N GLY A 33 -25.99 -12.98 3.09
CA GLY A 33 -26.86 -11.92 3.61
C GLY A 33 -26.25 -11.11 4.74
N VAL A 34 -24.94 -11.23 4.92
CA VAL A 34 -24.25 -10.44 5.94
C VAL A 34 -23.39 -9.38 5.25
N TRP A 35 -23.69 -8.11 5.55
CA TRP A 35 -22.96 -6.98 4.96
C TRP A 35 -21.81 -6.63 5.88
N ARG A 36 -20.64 -6.37 5.32
CA ARG A 36 -19.51 -5.92 6.15
C ARG A 36 -18.47 -5.03 5.45
N ARG A 37 -17.89 -4.12 6.24
CA ARG A 37 -16.71 -3.40 5.79
C ARG A 37 -15.97 -2.83 6.97
N ALA A 38 -14.76 -2.34 6.69
CA ALA A 38 -14.01 -1.57 7.68
C ALA A 38 -14.33 -0.13 7.40
N ILE A 39 -14.43 0.65 8.46
CA ILE A 39 -14.68 2.07 8.32
C ILE A 39 -13.68 2.79 9.19
N VAL A 40 -13.22 3.96 8.75
CA VAL A 40 -12.27 4.73 9.52
C VAL A 40 -13.09 5.56 10.49
N LEU A 41 -12.86 5.34 11.79
CA LEU A 41 -13.58 6.04 12.85
C LEU A 41 -12.58 6.63 13.86
N ASP A 42 -12.59 7.96 13.99
CA ASP A 42 -11.60 8.68 14.84
C ASP A 42 -10.17 8.18 14.59
N GLY A 43 -9.72 8.25 13.34
CA GLY A 43 -8.34 7.95 13.00
C GLY A 43 -7.89 6.51 12.87
N ARG A 44 -8.74 5.53 13.18
CA ARG A 44 -8.41 4.13 12.85
C ARG A 44 -9.56 3.35 12.18
N ALA A 45 -9.23 2.25 11.52
CA ALA A 45 -10.21 1.38 10.89
C ALA A 45 -10.77 0.37 11.88
N VAL A 46 -12.11 0.28 11.89
CA VAL A 46 -12.84 -0.64 12.74
C VAL A 46 -13.70 -1.56 11.85
N ALA A 47 -13.89 -2.78 12.34
CA ALA A 47 -14.77 -3.76 11.70
C ALA A 47 -16.23 -3.48 12.02
N VAL A 48 -17.08 -3.46 11.00
CA VAL A 48 -18.53 -3.32 11.19
C VAL A 48 -19.22 -4.33 10.28
N MET A 49 -20.22 -5.03 10.81
CA MET A 49 -21.08 -5.91 10.00
C MET A 49 -22.55 -5.72 10.37
N ALA A 50 -23.45 -6.05 9.45
CA ALA A 50 -24.86 -5.85 9.69
C ALA A 50 -25.66 -6.94 9.00
N TYR A 51 -26.77 -7.33 9.65
CA TYR A 51 -27.63 -8.36 9.07
C TYR A 51 -28.97 -8.27 9.81
N PRO A 52 -30.05 -8.68 9.16
CA PRO A 52 -31.32 -8.60 9.87
C PRO A 52 -31.53 -9.77 10.87
N GLU A 53 -32.15 -9.49 11.99
CA GLU A 53 -32.62 -10.60 12.83
C GLU A 53 -34.12 -10.77 12.63
N SER A 54 -34.73 -9.76 12.00
CA SER A 54 -36.12 -9.82 11.61
C SER A 54 -36.42 -8.73 10.59
N GLU A 55 -37.69 -8.62 10.20
CA GLU A 55 -38.07 -7.64 9.18
C GLU A 55 -37.91 -6.18 9.64
N ARG A 56 -38.00 -5.94 10.96
CA ARG A 56 -37.85 -4.58 11.50
C ARG A 56 -36.62 -4.39 12.40
N THR A 57 -35.70 -5.34 12.39
CA THR A 57 -34.52 -5.23 13.27
C THR A 57 -33.22 -5.61 12.56
N ILE A 58 -32.31 -4.64 12.47
CA ILE A 58 -30.99 -4.88 11.93
C ILE A 58 -29.98 -5.01 13.08
N VAL A 59 -29.29 -6.14 13.09
CA VAL A 59 -28.25 -6.34 14.06
C VAL A 59 -26.93 -5.82 13.48
N VAL A 60 -26.19 -5.12 14.32
CA VAL A 60 -24.83 -4.63 14.03
C VAL A 60 -23.85 -5.26 15.03
N GLU A 61 -22.72 -5.74 14.52
CA GLU A 61 -21.61 -6.24 15.34
C GLU A 61 -20.33 -5.58 14.84
N GLY A 62 -19.36 -5.38 15.74
CA GLY A 62 -18.13 -4.71 15.37
C GLY A 62 -17.21 -4.52 16.55
N ASN A 63 -16.01 -4.05 16.26
CA ASN A 63 -14.98 -3.89 17.29
C ASN A 63 -14.71 -2.44 17.71
N PHE A 64 -15.64 -1.54 17.34
CA PHE A 64 -15.67 -0.17 17.81
C PHE A 64 -16.23 -0.14 19.24
N GLU A 65 -16.14 1.02 19.90
CA GLU A 65 -16.56 1.18 21.29
C GLU A 65 -18.04 1.38 21.46
N ASN A 66 -18.54 0.92 22.60
CA ASN A 66 -19.91 1.21 23.01
C ASN A 66 -20.25 2.69 22.90
N ARG A 67 -19.34 3.55 23.35
CA ARG A 67 -19.54 4.99 23.25
C ARG A 67 -19.55 5.48 21.78
N GLU A 68 -19.08 4.65 20.85
CA GLU A 68 -19.10 5.01 19.41
C GLU A 68 -20.33 4.48 18.66
N TRP A 69 -21.17 3.70 19.32
CA TRP A 69 -22.40 3.17 18.73
C TRP A 69 -23.30 4.23 18.08
N GLU A 70 -23.57 5.34 18.78
CA GLU A 70 -24.43 6.38 18.21
C GLU A 70 -23.97 6.84 16.83
N ALA A 71 -22.66 7.03 16.69
CA ALA A 71 -22.09 7.60 15.46
C ALA A 71 -22.10 6.55 14.36
N VAL A 72 -21.82 5.30 14.72
CA VAL A 72 -21.84 4.19 13.76
C VAL A 72 -23.29 3.94 13.29
N ARG A 73 -24.22 3.95 14.24
CA ARG A 73 -25.63 3.78 13.93
C ARG A 73 -26.15 4.81 12.89
N ARG A 74 -25.84 6.09 13.12
CA ARG A 74 -26.14 7.17 12.18
C ARG A 74 -25.57 6.92 10.77
N LYS A 75 -24.31 6.49 10.75
CA LYS A 75 -23.60 6.23 9.51
C LYS A 75 -24.27 5.08 8.77
N LEU A 76 -24.62 4.00 9.47
CA LEU A 76 -25.27 2.84 8.83
C LEU A 76 -26.69 3.15 8.35
N VAL A 77 -27.50 3.84 9.18
CA VAL A 77 -28.87 4.24 8.79
C VAL A 77 -28.86 5.00 7.44
N GLU A 78 -27.97 5.98 7.38
CA GLU A 78 -27.78 6.78 6.20
C GLU A 78 -27.22 6.02 5.01
N TYR A 79 -26.14 5.26 5.23
CA TYR A 79 -25.51 4.48 4.15
C TYR A 79 -26.43 3.38 3.56
N LEU A 80 -27.09 2.62 4.44
CA LEU A 80 -27.97 1.53 4.02
C LEU A 80 -29.38 2.01 3.62
N GLY A 81 -29.73 3.24 3.98
CA GLY A 81 -31.04 3.79 3.67
C GLY A 81 -32.14 3.10 4.49
N LEU A 82 -31.98 3.13 5.79
CA LEU A 82 -32.92 2.44 6.70
C LEU A 82 -34.03 3.31 7.22
N GLN A 83 -34.12 4.56 6.74
CA GLN A 83 -35.13 5.50 7.24
C GLN A 83 -36.57 5.11 6.85
N ASN A 84 -37.51 5.43 7.75
CA ASN A 84 -38.93 5.27 7.51
C ASN A 84 -39.37 5.68 6.09
N PRO A 85 -39.80 4.70 5.27
CA PRO A 85 -40.26 4.91 3.89
C PRO A 85 -41.79 5.17 3.75
N GLU A 86 -42.50 5.37 4.87
CA GLU A 86 -43.96 5.47 4.81
C GLU A 86 -44.40 6.60 3.84
N GLU A 87 -43.81 7.77 4.02
CA GLU A 87 -44.13 8.92 3.21
C GLU A 87 -43.73 8.73 1.75
N LEU A 88 -42.54 8.17 1.53
CA LEU A 88 -42.10 7.82 0.17
C LEU A 88 -43.09 6.87 -0.52
N TYR A 89 -43.47 5.79 0.16
CA TYR A 89 -44.40 4.81 -0.38
C TYR A 89 -45.77 5.44 -0.75
N ARG A 90 -46.26 6.34 0.10
CA ARG A 90 -47.53 7.04 -0.17
C ARG A 90 -47.39 7.90 -1.43
N PHE A 91 -46.29 8.63 -1.49
CA PHE A 91 -46.00 9.45 -2.65
C PHE A 91 -45.92 8.58 -3.94
N MET A 92 -45.15 7.49 -3.88
CA MET A 92 -45.03 6.57 -5.04
C MET A 92 -46.38 5.97 -5.51
N ASP A 93 -47.26 5.73 -4.55
CA ASP A 93 -48.62 5.29 -4.83
C ASP A 93 -49.40 6.28 -5.71
N GLY A 94 -49.00 7.55 -5.70
CA GLY A 94 -49.73 8.62 -6.42
C GLY A 94 -49.36 8.82 -7.88
N ASP A 95 -48.56 7.90 -8.42
CA ASP A 95 -48.06 7.99 -9.78
C ASP A 95 -48.02 6.57 -10.30
N GLU A 96 -48.62 6.33 -11.45
CA GLU A 96 -48.76 4.97 -11.94
C GLU A 96 -47.41 4.22 -12.10
N LYS A 97 -46.42 4.91 -12.63
CA LYS A 97 -45.13 4.27 -12.88
C LYS A 97 -44.31 4.16 -11.59
N LEU A 98 -44.42 5.17 -10.72
CA LEU A 98 -43.74 5.06 -9.43
C LEU A 98 -44.33 3.92 -8.63
N ARG A 99 -45.65 3.76 -8.68
CA ARG A 99 -46.35 2.64 -7.98
C ARG A 99 -45.85 1.27 -8.49
N MET A 100 -45.70 1.14 -9.81
N MET A 100 -45.73 1.17 -9.83
CA MET A 100 -45.13 -0.08 -10.38
CA MET A 100 -45.10 0.05 -10.55
C MET A 100 -43.71 -0.33 -9.85
C MET A 100 -43.72 -0.30 -9.98
N LEU A 101 -42.87 0.71 -9.86
CA LEU A 101 -41.51 0.56 -9.31
C LEU A 101 -41.55 0.14 -7.87
N LYS A 102 -42.43 0.76 -7.09
CA LYS A 102 -42.55 0.44 -5.69
C LYS A 102 -42.95 -1.05 -5.52
N ASN A 103 -43.87 -1.52 -6.37
CA ASN A 103 -44.33 -2.90 -6.26
C ASN A 103 -43.30 -3.93 -6.74
N ARG A 104 -42.56 -3.59 -7.79
CA ARG A 104 -41.49 -4.46 -8.26
C ARG A 104 -40.34 -4.61 -7.28
N PHE A 105 -40.00 -3.56 -6.52
CA PHE A 105 -38.93 -3.63 -5.54
C PHE A 105 -39.48 -3.32 -4.16
N TYR A 106 -40.62 -3.94 -3.82
CA TYR A 106 -41.28 -3.55 -2.57
C TYR A 106 -40.45 -3.95 -1.36
N GLY A 107 -40.33 -3.03 -0.41
CA GLY A 107 -39.45 -3.27 0.76
C GLY A 107 -38.04 -2.74 0.61
N PHE A 108 -37.70 -2.21 -0.57
CA PHE A 108 -36.41 -1.58 -0.74
C PHE A 108 -36.30 -0.33 0.15
N GLY A 109 -37.42 0.34 0.38
CA GLY A 109 -37.46 1.51 1.32
C GLY A 109 -36.80 2.72 0.70
N ARG A 110 -36.21 3.56 1.56
CA ARG A 110 -35.62 4.82 1.07
C ARG A 110 -34.21 4.59 0.53
N ALA A 111 -33.66 5.55 -0.23
CA ALA A 111 -32.30 5.42 -0.73
C ALA A 111 -31.26 5.55 0.37
N GLY A 112 -30.20 4.75 0.29
CA GLY A 112 -29.00 4.89 1.10
C GLY A 112 -28.03 5.84 0.39
N LEU A 113 -26.74 5.50 0.46
CA LEU A 113 -25.67 6.21 -0.23
C LEU A 113 -24.74 5.19 -0.91
N MET A 114 -23.91 5.67 -1.82
CA MET A 114 -22.93 4.85 -2.55
C MET A 114 -21.56 4.79 -1.84
N SER A 115 -21.40 5.57 -0.79
CA SER A 115 -20.11 5.74 -0.14
C SER A 115 -20.28 6.06 1.36
N MET A 116 -19.28 5.68 2.14
CA MET A 116 -19.23 5.99 3.60
C MET A 116 -18.46 7.29 3.89
N SER A 117 -17.95 7.93 2.85
CA SER A 117 -17.26 9.25 2.99
C SER A 117 -17.42 10.01 1.70
N VAL A 118 -17.35 11.33 1.81
CA VAL A 118 -17.36 12.19 0.63
C VAL A 118 -16.21 11.79 -0.31
N PHE A 119 -15.01 11.57 0.25
CA PHE A 119 -13.84 11.20 -0.55
C PHE A 119 -14.06 9.94 -1.39
N GLU A 120 -14.59 8.89 -0.75
CA GLU A 120 -14.96 7.66 -1.46
C GLU A 120 -15.97 7.94 -2.56
N GLY A 121 -17.01 8.72 -2.26
CA GLY A 121 -18.05 9.04 -3.27
C GLY A 121 -17.46 9.76 -4.48
N ILE A 122 -16.63 10.76 -4.23
CA ILE A 122 -16.00 11.50 -5.33
C ILE A 122 -15.10 10.58 -6.17
N ALA A 123 -14.23 9.82 -5.50
CA ALA A 123 -13.28 8.94 -6.20
C ALA A 123 -14.01 7.93 -7.08
N LYS A 124 -15.03 7.28 -6.51
CA LYS A 124 -15.81 6.29 -7.26
C LYS A 124 -16.58 6.87 -8.42
N ALA A 125 -17.13 8.07 -8.24
CA ALA A 125 -17.80 8.78 -9.35
C ALA A 125 -16.81 9.12 -10.51
N ILE A 126 -15.62 9.59 -10.17
CA ILE A 126 -14.52 9.77 -11.15
C ILE A 126 -14.19 8.44 -11.86
N ILE A 127 -13.92 7.38 -11.09
CA ILE A 127 -13.66 6.04 -11.66
C ILE A 127 -14.73 5.58 -12.67
N GLN A 128 -15.98 5.80 -12.30
CA GLN A 128 -17.12 5.30 -13.06
C GLN A 128 -17.30 5.99 -14.43
N GLN A 129 -16.65 7.14 -14.59
CA GLN A 129 -16.85 7.95 -15.80
C GLN A 129 -16.57 7.15 -17.08
N GLN A 130 -17.60 7.01 -17.91
CA GLN A 130 -17.49 6.44 -19.26
C GLN A 130 -17.06 4.96 -19.30
N ILE A 131 -17.28 4.25 -18.21
CA ILE A 131 -17.02 2.81 -18.18
C ILE A 131 -18.22 2.10 -17.59
N SER A 132 -18.25 0.77 -17.77
CA SER A 132 -19.36 -0.02 -17.24
C SER A 132 -19.22 -0.05 -15.74
N PHE A 133 -20.36 -0.16 -15.04
CA PHE A 133 -20.36 -0.25 -13.60
C PHE A 133 -19.55 -1.43 -13.03
N VAL A 134 -19.62 -2.58 -13.72
CA VAL A 134 -18.89 -3.78 -13.29
C VAL A 134 -17.36 -3.55 -13.34
N VAL A 135 -16.91 -2.94 -14.44
CA VAL A 135 -15.53 -2.56 -14.63
C VAL A 135 -15.12 -1.53 -13.55
N ALA A 136 -15.97 -0.54 -13.29
CA ALA A 136 -15.72 0.47 -12.24
C ALA A 136 -15.57 -0.16 -10.85
N GLU A 137 -16.45 -1.11 -10.55
CA GLU A 137 -16.42 -1.83 -9.28
C GLU A 137 -15.18 -2.71 -9.13
N LYS A 138 -14.72 -3.33 -10.23
CA LYS A 138 -13.45 -4.09 -10.20
C LYS A 138 -12.26 -3.18 -9.95
N LEU A 139 -12.29 -1.98 -10.54
CA LEU A 139 -11.20 -1.01 -10.34
C LEU A 139 -11.13 -0.54 -8.88
N ALA A 140 -12.30 -0.22 -8.33
CA ALA A 140 -12.42 0.13 -6.91
C ALA A 140 -11.89 -1.01 -6.01
N ALA A 141 -12.24 -2.25 -6.34
CA ALA A 141 -11.72 -3.40 -5.61
C ALA A 141 -10.18 -3.52 -5.66
N LYS A 142 -9.57 -3.24 -6.80
CA LYS A 142 -8.10 -3.28 -6.92
C LYS A 142 -7.47 -2.23 -6.00
N ILE A 143 -8.03 -1.03 -6.04
CA ILE A 143 -7.57 0.13 -5.26
C ILE A 143 -7.74 -0.12 -3.76
N VAL A 144 -8.89 -0.70 -3.42
CA VAL A 144 -9.16 -1.13 -2.05
C VAL A 144 -8.13 -2.18 -1.59
N GLY A 145 -7.92 -3.16 -2.44
CA GLY A 145 -6.97 -4.22 -2.21
C GLY A 145 -5.57 -3.69 -1.95
N ARG A 146 -5.11 -2.74 -2.78
CA ARG A 146 -3.76 -2.20 -2.65
C ARG A 146 -3.61 -1.21 -1.51
N PHE A 147 -4.56 -0.29 -1.38
CA PHE A 147 -4.35 0.93 -0.54
C PHE A 147 -5.38 1.11 0.60
N GLY A 148 -6.42 0.28 0.61
CA GLY A 148 -7.47 0.42 1.62
C GLY A 148 -7.08 -0.28 2.90
N ASP A 149 -7.76 0.02 3.99
CA ASP A 149 -7.51 -0.68 5.23
C ASP A 149 -8.07 -2.09 5.17
N GLU A 150 -7.51 -2.95 6.01
CA GLU A 150 -7.99 -4.33 6.19
C GLU A 150 -7.88 -4.63 7.68
N VAL A 151 -8.99 -5.08 8.26
CA VAL A 151 -9.11 -5.36 9.68
C VAL A 151 -9.54 -6.81 9.80
N GLU A 152 -8.84 -7.56 10.64
CA GLU A 152 -9.21 -8.93 10.93
C GLU A 152 -9.92 -8.94 12.28
N TRP A 153 -11.14 -9.46 12.28
CA TRP A 153 -11.94 -9.48 13.48
C TRP A 153 -12.86 -10.67 13.39
N ASN A 154 -12.90 -11.45 14.47
CA ASN A 154 -13.88 -12.53 14.58
C ASN A 154 -13.80 -13.59 13.47
N GLY A 155 -12.58 -13.89 13.02
CA GLY A 155 -12.37 -14.82 11.92
C GLY A 155 -12.53 -14.22 10.54
N LEU A 156 -12.96 -12.96 10.47
CA LEU A 156 -13.28 -12.32 9.17
C LEU A 156 -12.41 -11.11 8.85
N LYS A 157 -12.11 -10.92 7.57
CA LYS A 157 -11.42 -9.73 7.10
C LYS A 157 -12.44 -8.71 6.59
N PHE A 158 -12.24 -7.46 7.01
CA PHE A 158 -13.08 -6.30 6.72
C PHE A 158 -12.19 -5.33 5.97
N TYR A 159 -12.73 -4.75 4.89
CA TYR A 159 -11.91 -3.95 3.98
C TYR A 159 -12.46 -2.53 3.94
N GLY A 160 -11.59 -1.53 3.83
CA GLY A 160 -12.04 -0.14 3.83
C GLY A 160 -11.62 0.55 2.53
N PHE A 161 -12.35 1.61 2.15
CA PHE A 161 -11.88 2.43 1.07
C PHE A 161 -10.65 3.23 1.55
N PRO A 162 -9.61 3.36 0.69
CA PRO A 162 -8.43 4.15 1.13
C PRO A 162 -8.76 5.55 1.64
N THR A 163 -8.02 5.98 2.65
CA THR A 163 -8.11 7.34 3.15
C THR A 163 -7.48 8.26 2.11
N GLN A 164 -7.73 9.56 2.24
CA GLN A 164 -7.05 10.56 1.43
C GLN A 164 -5.52 10.47 1.59
N GLU A 165 -5.04 10.26 2.82
CA GLU A 165 -3.60 10.15 3.05
C GLU A 165 -3.00 8.93 2.35
N ALA A 166 -3.70 7.77 2.40
CA ALA A 166 -3.31 6.59 1.65
C ALA A 166 -3.23 6.84 0.15
N ILE A 167 -4.16 7.62 -0.40
CA ILE A 167 -4.15 7.88 -1.84
C ILE A 167 -2.98 8.80 -2.20
N LEU A 168 -2.65 9.72 -1.31
CA LEU A 168 -1.54 10.65 -1.57
C LEU A 168 -0.23 9.87 -1.63
N LYS A 169 -0.12 8.89 -0.74
CA LYS A 169 1.03 7.97 -0.70
C LYS A 169 1.06 7.09 -1.92
N ALA A 170 -0.11 6.58 -2.33
CA ALA A 170 -0.23 5.73 -3.51
C ALA A 170 0.24 6.53 -4.71
N GLY A 171 -0.23 7.77 -4.79
CA GLY A 171 0.17 8.68 -5.84
C GLY A 171 -0.47 8.31 -7.16
N VAL A 172 -0.23 9.15 -8.16
CA VAL A 172 -0.76 8.90 -9.51
C VAL A 172 -0.32 7.54 -10.06
N GLU A 173 0.95 7.18 -9.85
CA GLU A 173 1.46 5.88 -10.35
C GLU A 173 0.84 4.67 -9.66
N GLY A 174 0.63 4.77 -8.35
CA GLY A 174 -0.10 3.74 -7.61
C GLY A 174 -1.49 3.43 -8.16
N LEU A 175 -2.25 4.48 -8.46
CA LEU A 175 -3.57 4.35 -9.10
C LEU A 175 -3.49 3.86 -10.54
N ARG A 176 -2.52 4.36 -11.32
CA ARG A 176 -2.36 3.86 -12.66
C ARG A 176 -2.09 2.35 -12.66
N GLU A 177 -1.30 1.90 -11.67
CA GLU A 177 -0.98 0.49 -11.45
C GLU A 177 -2.19 -0.37 -11.22
N CYS A 178 -3.24 0.22 -10.66
CA CYS A 178 -4.48 -0.49 -10.42
C CYS A 178 -5.36 -0.61 -11.68
N GLY A 179 -4.96 0.02 -12.77
CA GLY A 179 -5.75 -0.01 -14.02
C GLY A 179 -6.45 1.27 -14.38
N LEU A 180 -6.21 2.31 -13.59
CA LEU A 180 -6.84 3.61 -13.80
C LEU A 180 -6.08 4.45 -14.81
N SER A 181 -6.81 5.15 -15.67
CA SER A 181 -6.18 6.02 -16.66
C SER A 181 -5.38 7.12 -15.94
N ARG A 182 -4.33 7.60 -16.60
CA ARG A 182 -3.53 8.69 -16.03
C ARG A 182 -4.40 9.87 -15.53
N ARG A 183 -5.32 10.37 -16.35
CA ARG A 183 -6.04 11.55 -15.96
C ARG A 183 -6.96 11.30 -14.75
N LYS A 184 -7.62 10.14 -14.70
CA LYS A 184 -8.46 9.79 -13.54
C LYS A 184 -7.61 9.63 -12.26
N ALA A 185 -6.45 8.98 -12.39
CA ALA A 185 -5.47 8.91 -11.29
C ALA A 185 -5.05 10.33 -10.83
N GLU A 186 -4.72 11.20 -11.78
CA GLU A 186 -4.37 12.59 -11.45
C GLU A 186 -5.48 13.33 -10.69
N LEU A 187 -6.71 13.19 -11.18
CA LEU A 187 -7.85 13.85 -10.58
C LEU A 187 -8.18 13.36 -9.16
N ILE A 188 -8.11 12.03 -8.94
CA ILE A 188 -8.37 11.47 -7.59
C ILE A 188 -7.29 11.97 -6.62
N VAL A 189 -6.04 12.02 -7.08
CA VAL A 189 -4.95 12.57 -6.27
C VAL A 189 -5.19 14.04 -5.94
N GLU A 190 -5.58 14.85 -6.92
CA GLU A 190 -5.93 16.27 -6.68
C GLU A 190 -7.08 16.46 -5.65
N ILE A 191 -8.09 15.61 -5.74
CA ILE A 191 -9.18 15.59 -4.75
C ILE A 191 -8.66 15.19 -3.34
N ALA A 192 -7.81 14.18 -3.30
CA ALA A 192 -7.19 13.71 -2.04
C ALA A 192 -6.43 14.82 -1.28
N LYS A 193 -5.93 15.83 -2.00
CA LYS A 193 -5.27 16.98 -1.38
C LYS A 193 -6.22 17.93 -0.65
N GLU A 194 -7.53 17.78 -0.87
CA GLU A 194 -8.51 18.72 -0.33
C GLU A 194 -8.72 18.44 1.17
N GLU A 195 -8.49 19.46 1.99
CA GLU A 195 -8.69 19.31 3.45
C GLU A 195 -10.17 19.60 3.78
N ASN A 196 -10.66 19.04 4.88
CA ASN A 196 -12.05 19.28 5.31
C ASN A 196 -13.06 18.82 4.27
N LEU A 197 -12.63 17.88 3.42
CA LEU A 197 -13.49 17.39 2.34
C LEU A 197 -14.82 16.82 2.87
N GLU A 198 -14.79 16.17 4.04
CA GLU A 198 -16.01 15.56 4.58
C GLU A 198 -17.10 16.60 4.90
N GLU A 199 -16.70 17.85 5.13
CA GLU A 199 -17.66 18.92 5.36
C GLU A 199 -18.60 19.18 4.18
N LEU A 200 -18.17 18.81 2.96
CA LEU A 200 -19.03 19.03 1.77
C LEU A 200 -20.43 18.46 1.89
N LYS A 201 -20.58 17.39 2.66
CA LYS A 201 -21.86 16.73 2.85
C LYS A 201 -22.89 17.68 3.46
N GLU A 202 -22.40 18.69 4.17
CA GLU A 202 -23.31 19.66 4.77
C GLU A 202 -23.37 21.00 4.04
N TRP A 203 -22.77 21.06 2.85
CA TRP A 203 -22.91 22.24 2.01
C TRP A 203 -24.29 22.30 1.34
N GLY A 204 -24.74 23.50 1.01
CA GLY A 204 -25.88 23.67 0.11
C GLY A 204 -25.54 23.07 -1.25
N GLU A 205 -26.57 22.53 -1.93
CA GLU A 205 -26.42 21.93 -3.26
C GLU A 205 -25.71 22.86 -4.23
N GLU A 206 -26.04 24.15 -4.19
CA GLU A 206 -25.49 25.11 -5.16
C GLU A 206 -24.02 25.28 -4.97
N GLU A 207 -23.59 25.54 -3.74
CA GLU A 207 -22.18 25.67 -3.47
C GLU A 207 -21.43 24.37 -3.72
N ALA A 208 -22.03 23.23 -3.33
CA ALA A 208 -21.35 21.93 -3.56
C ALA A 208 -21.16 21.66 -5.05
N TYR A 209 -22.17 21.99 -5.86
CA TYR A 209 -22.10 21.75 -7.30
C TYR A 209 -20.98 22.60 -7.95
N GLU A 210 -20.93 23.86 -7.52
CA GLU A 210 -19.92 24.80 -8.04
C GLU A 210 -18.50 24.33 -7.69
N TYR A 211 -18.33 23.89 -6.46
CA TYR A 211 -17.07 23.34 -6.00
C TYR A 211 -16.66 22.12 -6.82
N LEU A 212 -17.57 21.15 -6.93
CA LEU A 212 -17.27 19.90 -7.62
C LEU A 212 -16.91 20.19 -9.08
N THR A 213 -17.72 21.01 -9.75
CA THR A 213 -17.47 21.31 -11.16
C THR A 213 -16.29 22.23 -11.40
N SER A 214 -15.76 22.88 -10.36
CA SER A 214 -14.52 23.70 -10.48
C SER A 214 -13.22 22.87 -10.74
N PHE A 215 -13.27 21.58 -10.49
CA PHE A 215 -12.20 20.65 -10.88
C PHE A 215 -12.28 20.31 -12.36
N LYS A 216 -11.14 20.43 -13.05
CA LYS A 216 -11.07 20.13 -14.49
C LYS A 216 -11.20 18.64 -14.66
N GLY A 217 -12.27 18.22 -15.33
CA GLY A 217 -12.55 16.79 -15.56
C GLY A 217 -13.77 16.33 -14.73
N ILE A 218 -14.29 17.23 -13.91
CA ILE A 218 -15.56 16.95 -13.20
C ILE A 218 -16.62 17.90 -13.77
N GLY A 219 -17.60 17.31 -14.44
CA GLY A 219 -18.68 18.11 -15.03
C GLY A 219 -20.03 17.82 -14.40
N ARG A 220 -21.07 18.10 -15.16
CA ARG A 220 -22.44 18.08 -14.63
C ARG A 220 -22.87 16.68 -14.12
N TRP A 221 -22.64 15.63 -14.92
CA TRP A 221 -23.10 14.32 -14.53
C TRP A 221 -22.33 13.82 -13.28
N THR A 222 -21.01 13.96 -13.31
CA THR A 222 -20.20 13.50 -12.16
C THR A 222 -20.60 14.25 -10.88
N ALA A 223 -20.79 15.56 -10.98
CA ALA A 223 -21.15 16.38 -9.83
C ALA A 223 -22.52 15.97 -9.29
N GLU A 224 -23.48 15.74 -10.20
CA GLU A 224 -24.84 15.43 -9.78
C GLU A 224 -24.97 14.02 -9.20
N LEU A 225 -24.18 13.11 -9.75
CA LEU A 225 -24.02 11.77 -9.17
C LEU A 225 -23.46 11.76 -7.72
N VAL A 226 -22.41 12.54 -7.50
CA VAL A 226 -21.86 12.76 -6.17
C VAL A 226 -22.92 13.40 -5.25
N LEU A 227 -23.54 14.48 -5.72
CA LEU A 227 -24.56 15.16 -4.93
C LEU A 227 -25.66 14.21 -4.45
N SER A 228 -26.21 13.44 -5.37
CA SER A 228 -27.30 12.55 -5.06
C SER A 228 -26.81 11.31 -4.29
N MET A 229 -25.87 10.59 -4.89
N MET A 229 -25.84 10.60 -4.85
CA MET A 229 -25.46 9.27 -4.39
CA MET A 229 -25.51 9.27 -4.33
C MET A 229 -24.59 9.34 -3.13
C MET A 229 -24.49 9.25 -3.20
N ALA A 230 -23.68 10.32 -3.09
CA ALA A 230 -22.69 10.40 -2.02
C ALA A 230 -23.04 11.44 -0.97
N LEU A 231 -23.71 12.51 -1.38
CA LEU A 231 -24.00 13.64 -0.44
C LEU A 231 -25.43 13.65 0.10
N GLY A 232 -26.27 12.80 -0.48
CA GLY A 232 -27.65 12.67 -0.02
C GLY A 232 -28.54 13.86 -0.38
N LYS A 233 -28.17 14.64 -1.40
CA LYS A 233 -28.96 15.79 -1.77
C LYS A 233 -29.93 15.41 -2.86
N ASN A 234 -31.07 16.11 -2.88
CA ASN A 234 -32.13 15.81 -3.83
C ASN A 234 -31.82 16.44 -5.19
N VAL A 235 -30.74 15.96 -5.80
CA VAL A 235 -30.22 16.46 -7.07
C VAL A 235 -30.35 15.31 -8.04
N PHE A 236 -31.09 15.48 -9.14
CA PHE A 236 -31.39 14.34 -10.03
C PHE A 236 -30.46 14.31 -11.26
N PRO A 237 -29.56 13.29 -11.34
CA PRO A 237 -28.54 13.23 -12.40
C PRO A 237 -29.15 12.70 -13.73
N ALA A 238 -29.88 13.57 -14.41
CA ALA A 238 -30.61 13.21 -15.64
C ALA A 238 -29.71 12.87 -16.83
N ASP A 239 -28.44 13.26 -16.76
CA ASP A 239 -27.54 12.89 -17.85
C ASP A 239 -27.17 11.42 -17.78
N ASP A 240 -27.36 10.77 -16.63
CA ASP A 240 -26.98 9.37 -16.50
C ASP A 240 -27.76 8.56 -17.51
N LEU A 241 -27.06 7.69 -18.22
CA LEU A 241 -27.71 6.96 -19.32
C LEU A 241 -28.69 5.89 -18.86
N GLY A 242 -28.40 5.25 -17.73
CA GLY A 242 -29.31 4.30 -17.10
C GLY A 242 -30.61 4.98 -16.72
N VAL A 243 -30.47 6.15 -16.10
CA VAL A 243 -31.60 6.98 -15.70
C VAL A 243 -32.45 7.35 -16.93
N ARG A 244 -31.80 7.85 -17.97
CA ARG A 244 -32.54 8.28 -19.16
C ARG A 244 -33.31 7.11 -19.76
N ARG A 245 -32.68 5.95 -19.82
CA ARG A 245 -33.32 4.72 -20.30
C ARG A 245 -34.55 4.32 -19.48
N ALA A 246 -34.38 4.20 -18.16
CA ALA A 246 -35.46 3.84 -17.22
C ALA A 246 -36.65 4.80 -17.31
N VAL A 247 -36.38 6.09 -17.25
CA VAL A 247 -37.43 7.12 -17.34
C VAL A 247 -38.15 7.05 -18.72
N SER A 248 -37.37 6.88 -19.78
CA SER A 248 -37.91 6.68 -21.15
C SER A 248 -38.80 5.44 -21.28
N ARG A 249 -38.34 4.31 -20.74
CA ARG A 249 -39.17 3.09 -20.67
C ARG A 249 -40.47 3.29 -19.90
N LEU A 250 -40.40 3.96 -18.75
CA LEU A 250 -41.54 4.20 -17.90
C LEU A 250 -42.56 5.17 -18.47
N TYR A 251 -42.10 6.33 -18.93
CA TYR A 251 -42.99 7.42 -19.28
C TYR A 251 -43.15 7.74 -20.77
N PHE A 252 -42.28 7.20 -21.61
CA PHE A 252 -42.27 7.56 -23.04
C PHE A 252 -42.26 6.35 -23.94
N ASN A 253 -42.74 5.23 -23.41
CA ASN A 253 -42.88 4.00 -24.18
C ASN A 253 -41.57 3.46 -24.77
N GLY A 254 -40.48 3.58 -24.01
CA GLY A 254 -39.19 3.04 -24.41
C GLY A 254 -38.46 3.88 -25.45
N GLU A 255 -39.05 5.01 -25.82
CA GLU A 255 -38.40 5.94 -26.75
C GLU A 255 -37.46 6.84 -25.97
N ILE A 256 -36.15 6.70 -26.23
CA ILE A 256 -35.10 7.43 -25.51
C ILE A 256 -35.23 8.96 -25.57
N GLN A 257 -35.35 9.57 -24.38
CA GLN A 257 -35.52 11.02 -24.24
C GLN A 257 -34.24 11.72 -23.83
N SER A 258 -34.16 13.02 -24.13
CA SER A 258 -33.04 13.85 -23.73
C SER A 258 -32.96 13.98 -22.21
N ALA A 259 -31.78 14.37 -21.74
CA ALA A 259 -31.60 14.70 -20.36
C ALA A 259 -32.55 15.81 -19.93
N GLU A 260 -32.78 16.82 -20.79
CA GLU A 260 -33.69 17.92 -20.43
C GLU A 260 -35.16 17.48 -20.23
N LYS A 261 -35.61 16.57 -21.07
CA LYS A 261 -36.95 15.96 -20.95
C LYS A 261 -37.05 15.12 -19.66
N VAL A 262 -36.03 14.32 -19.40
CA VAL A 262 -35.96 13.50 -18.17
C VAL A 262 -35.96 14.40 -16.91
N ARG A 263 -35.25 15.54 -16.96
CA ARG A 263 -35.29 16.53 -15.87
C ARG A 263 -36.66 17.10 -15.59
N GLU A 264 -37.39 17.32 -16.67
CA GLU A 264 -38.74 17.86 -16.58
C GLU A 264 -39.66 16.84 -15.91
N ILE A 265 -39.56 15.58 -16.32
CA ILE A 265 -40.29 14.47 -15.65
C ILE A 265 -40.02 14.43 -14.15
N ALA A 266 -38.73 14.46 -13.77
CA ALA A 266 -38.33 14.46 -12.36
C ALA A 266 -38.97 15.61 -11.59
N ARG A 267 -38.85 16.84 -12.08
CA ARG A 267 -39.53 17.99 -11.47
C ARG A 267 -41.04 17.79 -11.33
N GLU A 268 -41.68 17.27 -12.39
CA GLU A 268 -43.15 17.15 -12.39
C GLU A 268 -43.65 15.97 -11.54
N ARG A 269 -42.92 14.86 -11.55
CA ARG A 269 -43.44 13.62 -10.98
C ARG A 269 -42.73 13.13 -9.71
N PHE A 270 -41.47 13.48 -9.51
CA PHE A 270 -40.64 12.84 -8.48
C PHE A 270 -40.50 13.71 -7.25
N GLY A 271 -40.56 15.02 -7.50
CA GLY A 271 -40.50 16.04 -6.43
C GLY A 271 -39.45 15.81 -5.36
N ARG A 272 -39.88 15.86 -4.10
CA ARG A 272 -38.93 15.79 -3.00
C ARG A 272 -38.30 14.41 -2.84
N PHE A 273 -38.88 13.42 -3.55
CA PHE A 273 -38.42 12.01 -3.48
C PHE A 273 -37.58 11.60 -4.67
N ALA A 274 -37.16 12.58 -5.48
CA ALA A 274 -36.31 12.22 -6.66
C ALA A 274 -35.05 11.35 -6.32
N ARG A 275 -34.35 11.65 -5.22
CA ARG A 275 -33.12 10.90 -4.86
C ARG A 275 -33.44 9.43 -4.51
N ASP A 276 -34.59 9.22 -3.90
CA ASP A 276 -35.04 7.87 -3.55
C ASP A 276 -35.44 7.14 -4.82
N ILE A 277 -36.26 7.80 -5.63
CA ILE A 277 -36.74 7.21 -6.88
C ILE A 277 -35.55 6.86 -7.81
N LEU A 278 -34.51 7.69 -7.77
CA LEU A 278 -33.26 7.42 -8.50
C LEU A 278 -32.74 5.98 -8.24
N PHE A 279 -32.69 5.55 -6.99
CA PHE A 279 -32.24 4.19 -6.70
C PHE A 279 -33.16 3.12 -7.31
N TYR A 280 -34.49 3.33 -7.28
CA TYR A 280 -35.46 2.41 -7.92
C TYR A 280 -35.26 2.37 -9.42
N LEU A 281 -34.91 3.53 -10.02
CA LEU A 281 -34.63 3.61 -11.45
C LEU A 281 -33.40 2.78 -11.80
N PHE A 282 -32.35 2.87 -10.99
CA PHE A 282 -31.13 2.07 -11.18
C PHE A 282 -31.41 0.59 -11.14
N LEU A 283 -32.18 0.15 -10.14
CA LEU A 283 -32.63 -1.24 -10.09
C LEU A 283 -33.40 -1.65 -11.34
N TYR A 284 -34.35 -0.82 -11.72
CA TYR A 284 -35.18 -1.03 -12.91
C TYR A 284 -34.35 -1.17 -14.19
N ASP A 285 -33.42 -0.26 -14.40
CA ASP A 285 -32.51 -0.37 -15.56
C ASP A 285 -31.62 -1.64 -15.53
N ARG A 286 -31.11 -1.99 -14.34
N ARG A 286 -31.14 -2.00 -14.34
CA ARG A 286 -30.33 -3.21 -14.19
CA ARG A 286 -30.32 -3.19 -14.16
C ARG A 286 -31.18 -4.45 -14.42
C ARG A 286 -31.12 -4.48 -14.30
N PHE A 287 -32.33 -4.51 -13.73
CA PHE A 287 -33.09 -5.77 -13.53
C PHE A 287 -34.34 -6.00 -14.38
N PHE A 288 -34.77 -4.96 -15.06
CA PHE A 288 -35.75 -5.10 -16.10
C PHE A 288 -35.14 -4.36 -17.31
N SER A 289 -34.08 -5.00 -17.84
CA SER A 289 -33.42 -4.63 -19.10
C SER A 289 -31.90 -4.60 -18.93
N VAL A 295 -31.67 -12.72 -31.85
CA VAL A 295 -31.27 -12.02 -33.08
C VAL A 295 -31.93 -12.61 -34.32
N MET B 1 19.79 18.54 13.95
CA MET B 1 20.98 17.81 13.47
C MET B 1 21.66 17.15 14.64
N TRP B 2 22.25 15.99 14.37
CA TRP B 2 23.13 15.32 15.31
C TRP B 2 24.43 15.01 14.60
N ARG B 3 25.47 14.67 15.36
CA ARG B 3 26.76 14.34 14.80
C ARG B 3 27.27 13.01 15.34
N ILE B 4 27.74 12.18 14.41
CA ILE B 4 28.50 10.98 14.74
C ILE B 4 29.97 11.29 14.58
N GLU B 5 30.67 11.22 15.71
CA GLU B 5 32.08 11.55 15.79
C GLU B 5 32.88 10.26 15.80
N LEU B 6 33.80 10.16 14.85
CA LEU B 6 34.59 8.96 14.64
C LEU B 6 36.03 9.20 15.08
N LYS B 7 36.66 8.14 15.62
CA LYS B 7 38.11 8.14 15.94
C LYS B 7 38.94 8.29 14.66
N HIS B 8 38.47 7.67 13.58
CA HIS B 8 39.26 7.51 12.37
C HIS B 8 38.50 8.09 11.18
N ALA B 9 39.21 8.64 10.21
CA ALA B 9 38.62 9.12 8.99
C ALA B 9 37.91 7.99 8.26
N VAL B 10 36.81 8.34 7.60
CA VAL B 10 36.13 7.46 6.65
C VAL B 10 36.00 8.20 5.31
N ASN B 11 36.10 7.49 4.19
CA ASN B 11 35.83 8.09 2.87
C ASN B 11 34.36 7.81 2.48
N TRP B 12 33.52 8.84 2.68
CA TRP B 12 32.09 8.78 2.41
C TRP B 12 31.81 8.42 0.97
N GLU B 13 32.54 9.02 0.03
CA GLU B 13 32.34 8.67 -1.37
C GLU B 13 32.48 7.17 -1.63
N LEU B 14 33.50 6.55 -1.03
CA LEU B 14 33.66 5.07 -1.15
C LEU B 14 32.52 4.32 -0.49
N LYS B 15 32.11 4.77 0.70
CA LYS B 15 30.93 4.20 1.34
C LYS B 15 29.73 4.22 0.39
N MET B 16 29.49 5.38 -0.23
CA MET B 16 28.35 5.53 -1.12
C MET B 16 28.45 4.69 -2.40
N LYS B 17 29.68 4.39 -2.82
CA LYS B 17 29.92 3.57 -4.02
C LYS B 17 29.39 2.16 -3.84
N PHE B 18 29.27 1.70 -2.59
CA PHE B 18 28.72 0.37 -2.36
C PHE B 18 27.32 0.17 -2.96
N PHE B 19 26.48 1.22 -2.96
CA PHE B 19 25.12 1.15 -3.54
C PHE B 19 25.22 1.06 -5.07
N VAL B 20 24.51 0.11 -5.68
CA VAL B 20 24.62 -0.09 -7.15
C VAL B 20 23.74 0.88 -7.92
N LEU B 21 22.53 1.15 -7.41
CA LEU B 21 21.62 2.14 -8.01
C LEU B 21 21.30 3.25 -7.00
N PRO B 22 22.25 4.18 -6.78
CA PRO B 22 22.08 5.13 -5.66
C PRO B 22 20.83 6.04 -5.75
N GLU B 23 20.44 6.45 -6.95
CA GLU B 23 19.36 7.44 -7.07
C GLU B 23 17.95 6.88 -6.98
N LEU B 24 17.82 5.60 -7.35
CA LEU B 24 16.55 4.89 -7.28
C LEU B 24 16.30 4.44 -5.83
N PRO B 25 15.10 4.70 -5.27
CA PRO B 25 14.83 4.26 -3.89
C PRO B 25 14.79 2.74 -3.75
N THR B 26 15.81 2.20 -3.10
CA THR B 26 16.03 0.74 -3.01
C THR B 26 15.99 0.04 -1.63
N PRO B 27 15.54 0.70 -0.53
CA PRO B 27 14.81 1.98 -0.40
C PRO B 27 15.69 3.24 -0.37
N ASP B 28 17.02 3.02 -0.27
CA ASP B 28 17.97 4.09 -0.02
C ASP B 28 18.07 4.99 -1.23
N VAL B 29 18.16 6.28 -0.99
CA VAL B 29 18.49 7.21 -2.06
C VAL B 29 19.74 8.00 -1.66
N VAL B 30 20.70 8.06 -2.57
CA VAL B 30 21.90 8.86 -2.41
C VAL B 30 21.92 9.89 -3.54
N GLU B 31 21.95 11.15 -3.14
CA GLU B 31 21.81 12.25 -4.12
C GLU B 31 22.76 13.33 -3.71
N SER B 32 23.68 13.68 -4.62
CA SER B 32 24.72 14.67 -4.35
C SER B 32 25.43 14.39 -3.01
N GLY B 33 25.85 13.14 -2.81
CA GLY B 33 26.54 12.72 -1.58
C GLY B 33 25.74 12.64 -0.29
N VAL B 34 24.41 12.77 -0.38
CA VAL B 34 23.57 12.74 0.80
C VAL B 34 22.71 11.48 0.75
N TRP B 35 22.89 10.64 1.75
CA TRP B 35 22.17 9.37 1.89
C TRP B 35 20.88 9.61 2.67
N ARG B 36 19.80 8.93 2.28
CA ARG B 36 18.56 8.97 3.07
C ARG B 36 17.66 7.76 2.88
N ARG B 37 16.86 7.47 3.90
CA ARG B 37 15.72 6.54 3.79
C ARG B 37 14.73 6.81 4.92
N ALA B 38 13.59 6.14 4.84
CA ALA B 38 12.66 6.04 5.94
C ALA B 38 13.02 4.77 6.67
N ILE B 39 13.10 4.85 7.99
CA ILE B 39 13.27 3.66 8.80
C ILE B 39 12.07 3.57 9.74
N VAL B 40 11.62 2.35 10.03
CA VAL B 40 10.57 2.12 11.04
C VAL B 40 11.22 2.13 12.41
N LEU B 41 10.71 2.99 13.28
CA LEU B 41 11.29 3.19 14.59
C LEU B 41 10.15 3.29 15.61
N ASP B 42 10.09 2.34 16.54
CA ASP B 42 9.04 2.34 17.57
C ASP B 42 7.64 2.42 16.93
N GLY B 43 7.41 1.54 15.93
CA GLY B 43 6.13 1.40 15.28
C GLY B 43 5.68 2.47 14.31
N ARG B 44 6.59 3.37 13.92
CA ARG B 44 6.28 4.35 12.86
C ARG B 44 7.49 4.67 11.97
N ALA B 45 7.21 5.09 10.74
CA ALA B 45 8.25 5.47 9.80
C ALA B 45 8.75 6.88 10.10
N VAL B 46 10.07 7.01 10.27
CA VAL B 46 10.72 8.32 10.39
C VAL B 46 11.69 8.59 9.24
N ALA B 47 11.85 9.86 8.92
CA ALA B 47 12.85 10.30 7.95
C ALA B 47 14.24 10.38 8.64
N VAL B 48 15.27 9.89 7.94
N VAL B 48 15.27 9.89 7.94
CA VAL B 48 16.67 9.97 8.37
CA VAL B 48 16.66 9.99 8.38
C VAL B 48 17.53 10.22 7.14
C VAL B 48 17.56 10.20 7.15
N MET B 49 18.48 11.14 7.26
CA MET B 49 19.46 11.41 6.21
C MET B 49 20.83 11.63 6.86
N ALA B 50 21.90 11.35 6.11
CA ALA B 50 23.25 11.47 6.66
C ALA B 50 24.23 11.89 5.56
N TYR B 51 25.26 12.64 5.96
CA TYR B 51 26.26 13.13 5.03
C TYR B 51 27.45 13.62 5.86
N PRO B 52 28.63 13.62 5.28
CA PRO B 52 29.78 13.99 6.07
C PRO B 52 29.93 15.52 6.23
N GLU B 53 30.40 15.93 7.41
CA GLU B 53 30.83 17.31 7.65
C GLU B 53 32.35 17.47 7.39
N SER B 54 33.08 16.41 7.73
CA SER B 54 34.52 16.34 7.59
C SER B 54 34.83 14.86 7.54
N GLU B 55 36.11 14.50 7.31
CA GLU B 55 36.54 13.10 7.29
C GLU B 55 36.14 12.25 8.52
N ARG B 56 36.00 12.89 9.69
CA ARG B 56 35.70 12.18 10.95
C ARG B 56 34.36 12.54 11.57
N THR B 57 33.53 13.28 10.84
CA THR B 57 32.23 13.69 11.37
C THR B 57 31.10 13.44 10.38
N ILE B 58 30.12 12.62 10.78
CA ILE B 58 28.95 12.40 9.95
C ILE B 58 27.76 13.08 10.62
N VAL B 59 27.12 13.97 9.86
CA VAL B 59 25.92 14.65 10.29
C VAL B 59 24.68 13.82 9.95
N VAL B 60 23.77 13.77 10.92
CA VAL B 60 22.46 13.12 10.74
C VAL B 60 21.34 14.15 10.98
N GLU B 61 20.42 14.21 10.03
CA GLU B 61 19.18 14.95 10.17
C GLU B 61 17.99 13.97 10.11
N GLY B 62 16.93 14.32 10.82
CA GLY B 62 15.67 13.62 10.73
C GLY B 62 14.57 14.14 11.62
N ASN B 63 13.41 13.50 11.50
CA ASN B 63 12.22 13.91 12.24
C ASN B 63 11.83 12.96 13.38
N PHE B 64 12.79 12.14 13.82
CA PHE B 64 12.65 11.38 15.05
C PHE B 64 12.91 12.28 16.27
N GLU B 65 12.58 11.77 17.45
CA GLU B 65 12.72 12.53 18.69
C GLU B 65 14.16 12.52 19.20
N ASN B 66 14.49 13.50 20.04
CA ASN B 66 15.82 13.62 20.62
C ASN B 66 16.18 12.41 21.47
N ARG B 67 15.18 11.88 22.17
CA ARG B 67 15.39 10.75 23.06
C ARG B 67 15.64 9.46 22.26
N GLU B 68 15.40 9.52 20.95
CA GLU B 68 15.58 8.39 20.01
C GLU B 68 16.92 8.42 19.28
N TRP B 69 17.70 9.47 19.53
CA TRP B 69 19.01 9.64 18.86
C TRP B 69 19.97 8.46 19.07
N GLU B 70 20.14 8.02 20.32
CA GLU B 70 21.07 6.93 20.58
C GLU B 70 20.70 5.64 19.81
N ALA B 71 19.42 5.31 19.77
CA ALA B 71 18.94 4.18 18.97
C ALA B 71 19.25 4.36 17.46
N VAL B 72 18.90 5.52 16.91
CA VAL B 72 19.20 5.82 15.51
C VAL B 72 20.70 5.79 15.16
N ARG B 73 21.52 6.46 15.99
CA ARG B 73 22.98 6.49 15.84
C ARG B 73 23.57 5.08 15.79
N ARG B 74 23.16 4.23 16.73
CA ARG B 74 23.56 2.82 16.75
C ARG B 74 23.21 2.12 15.42
N LYS B 75 21.98 2.29 14.98
CA LYS B 75 21.53 1.71 13.70
C LYS B 75 22.37 2.20 12.51
N LEU B 76 22.66 3.50 12.49
CA LEU B 76 23.43 4.08 11.38
C LEU B 76 24.89 3.65 11.40
N VAL B 77 25.49 3.66 12.59
CA VAL B 77 26.91 3.27 12.73
C VAL B 77 27.06 1.85 12.17
N GLU B 78 26.13 0.97 12.56
CA GLU B 78 26.14 -0.44 12.15
C GLU B 78 25.84 -0.66 10.65
N TYR B 79 24.83 0.06 10.17
CA TYR B 79 24.38 -0.04 8.79
C TYR B 79 25.40 0.55 7.80
N LEU B 80 25.92 1.73 8.12
CA LEU B 80 26.88 2.36 7.22
C LEU B 80 28.30 1.84 7.38
N GLY B 81 28.55 1.07 8.44
CA GLY B 81 29.90 0.58 8.79
C GLY B 81 30.90 1.67 9.19
N LEU B 82 30.52 2.46 10.20
CA LEU B 82 31.35 3.58 10.61
C LEU B 82 32.35 3.26 11.73
N GLN B 83 32.36 2.01 12.20
CA GLN B 83 33.28 1.62 13.31
C GLN B 83 34.79 1.71 12.97
N ASN B 84 35.59 2.01 14.00
CA ASN B 84 37.05 2.11 13.90
C ASN B 84 37.67 0.93 13.12
N PRO B 85 38.28 1.22 11.95
CA PRO B 85 38.94 0.25 11.05
C PRO B 85 40.43 0.01 11.33
N GLU B 86 40.97 0.61 12.38
CA GLU B 86 42.42 0.56 12.59
C GLU B 86 42.98 -0.88 12.66
N GLU B 87 42.29 -1.75 13.41
CA GLU B 87 42.69 -3.14 13.55
C GLU B 87 42.50 -3.88 12.23
N LEU B 88 41.35 -3.67 11.58
CA LEU B 88 41.13 -4.19 10.23
C LEU B 88 42.26 -3.84 9.24
N TYR B 89 42.63 -2.56 9.18
CA TYR B 89 43.65 -2.11 8.25
C TYR B 89 45.02 -2.75 8.55
N ARG B 90 45.37 -2.85 9.84
CA ARG B 90 46.56 -3.61 10.27
C ARG B 90 46.54 -5.07 9.83
N PHE B 91 45.40 -5.73 9.97
CA PHE B 91 45.27 -7.11 9.54
C PHE B 91 45.46 -7.23 8.01
N MET B 92 44.77 -6.39 7.25
CA MET B 92 44.92 -6.41 5.77
C MET B 92 46.34 -6.16 5.27
N ASP B 93 47.09 -5.30 5.95
CA ASP B 93 48.53 -5.12 5.69
C ASP B 93 49.38 -6.40 5.78
N GLY B 94 48.90 -7.40 6.55
CA GLY B 94 49.59 -8.70 6.74
C GLY B 94 49.35 -9.81 5.72
N ASP B 95 48.57 -9.46 4.69
CA ASP B 95 48.40 -10.30 3.50
C ASP B 95 48.66 -9.43 2.29
N GLU B 96 49.51 -9.87 1.38
CA GLU B 96 49.88 -9.06 0.23
C GLU B 96 48.70 -8.63 -0.64
N LYS B 97 47.79 -9.55 -0.94
CA LYS B 97 46.61 -9.21 -1.74
C LYS B 97 45.60 -8.34 -0.99
N LEU B 98 45.42 -8.60 0.31
CA LEU B 98 44.56 -7.73 1.14
C LEU B 98 45.12 -6.35 1.26
N ARG B 99 46.44 -6.25 1.31
CA ARG B 99 47.14 -4.95 1.38
C ARG B 99 46.80 -4.12 0.14
N MET B 100 46.83 -4.77 -1.03
CA MET B 100 46.49 -4.10 -2.28
C MET B 100 45.03 -3.65 -2.27
N LEU B 101 44.15 -4.56 -1.83
CA LEU B 101 42.72 -4.32 -1.78
C LEU B 101 42.42 -3.12 -0.88
N LYS B 102 43.09 -3.07 0.27
CA LYS B 102 42.97 -1.98 1.22
C LYS B 102 43.45 -0.67 0.61
N ASN B 103 44.57 -0.72 -0.10
CA ASN B 103 45.06 0.50 -0.72
C ASN B 103 44.16 0.97 -1.88
N ARG B 104 43.59 0.04 -2.64
CA ARG B 104 42.66 0.37 -3.73
C ARG B 104 41.39 1.10 -3.21
N PHE B 105 40.81 0.57 -2.14
CA PHE B 105 39.60 1.14 -1.56
C PHE B 105 39.85 1.74 -0.18
N TYR B 106 41.03 2.31 0.01
CA TYR B 106 41.38 2.97 1.28
C TYR B 106 40.38 4.05 1.72
N GLY B 107 39.93 3.94 2.95
CA GLY B 107 38.92 4.82 3.50
C GLY B 107 37.53 4.20 3.50
N PHE B 108 37.39 3.02 2.88
CA PHE B 108 36.10 2.35 2.97
C PHE B 108 35.83 1.91 4.42
N GLY B 109 36.89 1.59 5.17
CA GLY B 109 36.79 1.19 6.61
C GLY B 109 36.15 -0.19 6.78
N ARG B 110 35.33 -0.34 7.82
CA ARG B 110 34.73 -1.65 8.11
C ARG B 110 33.40 -1.84 7.34
N ALA B 111 32.97 -3.08 7.19
CA ALA B 111 31.71 -3.37 6.56
C ALA B 111 30.52 -2.85 7.36
N GLY B 112 29.52 -2.34 6.64
CA GLY B 112 28.23 -2.02 7.20
C GLY B 112 27.32 -3.23 7.07
N LEU B 113 26.09 -2.97 6.65
CA LEU B 113 25.09 -4.02 6.38
C LEU B 113 24.35 -3.67 5.10
N MET B 114 23.65 -4.68 4.54
CA MET B 114 22.86 -4.59 3.32
C MET B 114 21.42 -4.14 3.58
N SER B 115 21.02 -4.09 4.85
CA SER B 115 19.62 -3.90 5.22
C SER B 115 19.48 -3.29 6.60
N MET B 116 18.36 -2.60 6.83
CA MET B 116 18.06 -2.00 8.14
C MET B 116 17.21 -2.89 9.02
N SER B 117 16.80 -4.04 8.51
CA SER B 117 16.07 -5.04 9.32
C SER B 117 16.42 -6.43 8.82
N VAL B 118 16.24 -7.44 9.69
CA VAL B 118 16.39 -8.85 9.27
C VAL B 118 15.44 -9.18 8.11
N PHE B 119 14.18 -8.75 8.21
CA PHE B 119 13.22 -9.02 7.13
C PHE B 119 13.69 -8.48 5.76
N GLU B 120 14.09 -7.22 5.73
CA GLU B 120 14.60 -6.59 4.50
C GLU B 120 15.73 -7.44 3.89
N GLY B 121 16.68 -7.81 4.74
CA GLY B 121 17.87 -8.58 4.37
C GLY B 121 17.52 -9.92 3.78
N ILE B 122 16.61 -10.65 4.42
CA ILE B 122 16.17 -11.94 3.89
C ILE B 122 15.41 -11.79 2.55
N ALA B 123 14.49 -10.82 2.49
CA ALA B 123 13.70 -10.59 1.26
C ALA B 123 14.60 -10.24 0.10
N LYS B 124 15.56 -9.35 0.33
CA LYS B 124 16.49 -8.98 -0.72
C LYS B 124 17.38 -10.13 -1.16
N ALA B 125 17.82 -10.95 -0.19
CA ALA B 125 18.64 -12.11 -0.53
C ALA B 125 17.84 -13.11 -1.41
N ILE B 126 16.56 -13.29 -1.09
CA ILE B 126 15.63 -14.10 -1.92
C ILE B 126 15.50 -13.48 -3.32
N ILE B 127 15.22 -12.18 -3.38
CA ILE B 127 15.13 -11.47 -4.67
C ILE B 127 16.35 -11.72 -5.57
N GLN B 128 17.53 -11.74 -4.97
CA GLN B 128 18.82 -11.81 -5.68
C GLN B 128 19.14 -13.18 -6.32
N GLN B 129 18.37 -14.19 -5.94
CA GLN B 129 18.60 -15.56 -6.39
C GLN B 129 18.53 -15.70 -7.92
N GLN B 130 19.64 -16.13 -8.51
CA GLN B 130 19.80 -16.44 -9.95
C GLN B 130 19.63 -15.27 -10.95
N ILE B 131 19.69 -14.04 -10.43
CA ILE B 131 19.69 -12.82 -11.26
C ILE B 131 20.87 -11.94 -10.87
N SER B 132 21.17 -10.94 -11.70
CA SER B 132 22.28 -10.03 -11.41
C SER B 132 21.90 -9.04 -10.31
N PHE B 133 22.92 -8.40 -9.73
CA PHE B 133 22.65 -7.48 -8.65
C PHE B 133 21.83 -6.27 -9.09
N VAL B 134 22.09 -5.77 -10.28
CA VAL B 134 21.32 -4.61 -10.79
C VAL B 134 19.85 -4.94 -11.04
N VAL B 135 19.58 -6.09 -11.66
CA VAL B 135 18.21 -6.54 -11.85
C VAL B 135 17.48 -6.70 -10.51
N ALA B 136 18.17 -7.32 -9.53
CA ALA B 136 17.65 -7.46 -8.15
C ALA B 136 17.29 -6.12 -7.52
N GLU B 137 18.21 -5.16 -7.64
CA GLU B 137 17.98 -3.79 -7.09
C GLU B 137 16.76 -3.10 -7.74
N LYS B 138 16.63 -3.23 -9.05
CA LYS B 138 15.45 -2.68 -9.72
C LYS B 138 14.17 -3.30 -9.21
N LEU B 139 14.19 -4.62 -8.99
CA LEU B 139 13.04 -5.32 -8.42
C LEU B 139 12.73 -4.82 -7.02
N ALA B 140 13.78 -4.69 -6.20
CA ALA B 140 13.64 -4.13 -4.84
C ALA B 140 13.01 -2.75 -4.92
N ALA B 141 13.49 -1.96 -5.89
CA ALA B 141 12.95 -0.62 -6.08
C ALA B 141 11.48 -0.65 -6.49
N LYS B 142 11.11 -1.59 -7.38
CA LYS B 142 9.67 -1.74 -7.72
C LYS B 142 8.83 -2.05 -6.48
N ILE B 143 9.28 -3.02 -5.69
CA ILE B 143 8.60 -3.42 -4.47
C ILE B 143 8.55 -2.31 -3.42
N VAL B 144 9.65 -1.59 -3.24
CA VAL B 144 9.63 -0.40 -2.37
C VAL B 144 8.63 0.65 -2.89
N GLY B 145 8.68 0.91 -4.19
CA GLY B 145 7.75 1.87 -4.82
C GLY B 145 6.29 1.53 -4.51
N ARG B 146 5.98 0.24 -4.53
CA ARG B 146 4.60 -0.17 -4.43
C ARG B 146 4.08 -0.33 -3.01
N PHE B 147 4.90 -0.92 -2.11
CA PHE B 147 4.44 -1.36 -0.79
C PHE B 147 5.21 -0.77 0.40
N GLY B 148 6.32 -0.09 0.11
CA GLY B 148 7.15 0.55 1.13
C GLY B 148 6.53 1.84 1.67
N ASP B 149 6.92 2.20 2.89
CA ASP B 149 6.57 3.46 3.52
C ASP B 149 7.14 4.64 2.76
N GLU B 150 6.48 5.79 2.90
CA GLU B 150 6.92 7.06 2.35
C GLU B 150 6.66 8.14 3.40
N VAL B 151 7.68 8.93 3.68
CA VAL B 151 7.61 9.99 4.69
C VAL B 151 8.08 11.21 3.94
N GLU B 152 7.30 12.27 4.01
CA GLU B 152 7.72 13.55 3.46
C GLU B 152 8.15 14.42 4.62
N TRP B 153 9.33 15.03 4.47
CA TRP B 153 9.93 15.85 5.53
C TRP B 153 10.94 16.83 4.92
N ASN B 154 10.82 18.11 5.28
CA ASN B 154 11.66 19.17 4.70
C ASN B 154 11.60 19.20 3.18
N GLY B 155 10.41 18.99 2.63
CA GLY B 155 10.25 18.91 1.17
C GLY B 155 11.09 17.83 0.51
N LEU B 156 11.35 16.73 1.23
CA LEU B 156 11.95 15.57 0.59
C LEU B 156 11.14 14.31 0.91
N LYS B 157 11.15 13.35 0.00
CA LYS B 157 10.48 12.08 0.25
C LYS B 157 11.53 11.04 0.67
N PHE B 158 11.21 10.33 1.74
CA PHE B 158 12.05 9.28 2.32
C PHE B 158 11.29 7.97 2.19
N TYR B 159 11.92 7.00 1.54
CA TYR B 159 11.34 5.69 1.27
C TYR B 159 11.86 4.60 2.19
N GLY B 160 10.96 3.71 2.61
CA GLY B 160 11.29 2.57 3.46
C GLY B 160 11.08 1.23 2.78
N PHE B 161 11.74 0.19 3.30
CA PHE B 161 11.51 -1.11 2.80
C PHE B 161 10.20 -1.58 3.39
N PRO B 162 9.37 -2.29 2.59
CA PRO B 162 8.11 -2.76 3.15
C PRO B 162 8.27 -3.56 4.44
N THR B 163 7.37 -3.25 5.36
CA THR B 163 7.19 -4.06 6.55
C THR B 163 6.62 -5.44 6.21
N GLN B 164 6.72 -6.35 7.19
CA GLN B 164 6.11 -7.68 7.08
C GLN B 164 4.59 -7.60 6.82
N GLU B 165 3.91 -6.76 7.58
CA GLU B 165 2.48 -6.47 7.39
C GLU B 165 2.15 -6.03 5.97
N ALA B 166 2.90 -5.05 5.45
CA ALA B 166 2.69 -4.58 4.08
C ALA B 166 2.89 -5.66 3.04
N ILE B 167 3.86 -6.55 3.29
CA ILE B 167 4.10 -7.64 2.36
C ILE B 167 2.95 -8.65 2.40
N LEU B 168 2.42 -8.91 3.59
CA LEU B 168 1.36 -9.90 3.72
C LEU B 168 0.11 -9.40 3.01
N LYS B 169 -0.05 -8.08 3.04
CA LYS B 169 -1.12 -7.38 2.30
C LYS B 169 -0.92 -7.45 0.79
N ALA B 170 0.28 -7.13 0.30
CA ALA B 170 0.63 -7.27 -1.11
C ALA B 170 0.36 -8.70 -1.61
N GLY B 171 0.76 -9.68 -0.79
CA GLY B 171 0.54 -11.09 -1.09
C GLY B 171 1.39 -11.51 -2.25
N VAL B 172 1.33 -12.79 -2.56
CA VAL B 172 2.04 -13.37 -3.68
C VAL B 172 1.75 -12.61 -4.96
N GLU B 173 0.48 -12.34 -5.24
CA GLU B 173 0.11 -11.67 -6.51
C GLU B 173 0.65 -10.23 -6.61
N GLY B 174 0.55 -9.49 -5.51
CA GLY B 174 1.17 -8.15 -5.38
C GLY B 174 2.64 -8.13 -5.73
N LEU B 175 3.38 -9.13 -5.22
CA LEU B 175 4.79 -9.25 -5.52
C LEU B 175 5.04 -9.75 -6.93
N ARG B 176 4.20 -10.67 -7.40
CA ARG B 176 4.28 -11.15 -8.77
C ARG B 176 4.15 -10.00 -9.77
N GLU B 177 3.25 -9.07 -9.46
CA GLU B 177 2.99 -7.89 -10.31
C GLU B 177 4.15 -6.89 -10.41
N CYS B 178 5.19 -7.10 -9.59
CA CYS B 178 6.40 -6.28 -9.63
C CYS B 178 7.44 -6.88 -10.54
N GLY B 179 7.18 -8.09 -11.01
CA GLY B 179 8.14 -8.79 -11.82
C GLY B 179 8.80 -9.93 -11.08
N LEU B 180 8.37 -10.19 -9.84
CA LEU B 180 8.92 -11.32 -9.07
C LEU B 180 8.31 -12.64 -9.52
N SER B 181 9.18 -13.64 -9.71
CA SER B 181 8.73 -15.00 -9.97
C SER B 181 7.74 -15.47 -8.90
N ARG B 182 6.83 -16.39 -9.27
CA ARG B 182 5.84 -16.88 -8.31
C ARG B 182 6.49 -17.47 -7.05
N ARG B 183 7.59 -18.21 -7.21
N ARG B 183 7.60 -18.20 -7.24
CA ARG B 183 8.20 -18.88 -6.06
CA ARG B 183 8.29 -18.92 -6.16
C ARG B 183 8.91 -17.91 -5.13
C ARG B 183 8.98 -17.97 -5.16
N LYS B 184 9.61 -16.92 -5.69
CA LYS B 184 10.26 -15.87 -4.88
C LYS B 184 9.21 -15.06 -4.13
N ALA B 185 8.08 -14.80 -4.79
CA ALA B 185 6.93 -14.17 -4.12
C ALA B 185 6.36 -15.01 -2.96
N GLU B 186 6.16 -16.32 -3.21
CA GLU B 186 5.70 -17.22 -2.15
C GLU B 186 6.65 -17.28 -0.96
N LEU B 187 7.94 -17.38 -1.24
CA LEU B 187 8.93 -17.51 -0.17
C LEU B 187 9.06 -16.22 0.65
N ILE B 188 9.05 -15.07 -0.01
CA ILE B 188 9.06 -13.79 0.74
C ILE B 188 7.80 -13.69 1.63
N VAL B 189 6.63 -14.10 1.10
CA VAL B 189 5.38 -14.10 1.90
C VAL B 189 5.49 -15.03 3.11
N GLU B 190 6.07 -16.21 2.90
CA GLU B 190 6.26 -17.19 3.95
C GLU B 190 7.13 -16.59 5.07
N ILE B 191 8.23 -15.95 4.67
CA ILE B 191 9.12 -15.29 5.64
C ILE B 191 8.41 -14.16 6.39
N ALA B 192 7.60 -13.36 5.65
CA ALA B 192 6.80 -12.25 6.26
C ALA B 192 5.86 -12.74 7.37
N LYS B 193 5.46 -14.00 7.32
CA LYS B 193 4.66 -14.61 8.39
C LYS B 193 5.40 -14.89 9.71
N GLU B 194 6.73 -14.92 9.64
CA GLU B 194 7.55 -15.24 10.79
C GLU B 194 7.52 -14.08 11.78
N GLU B 195 7.16 -14.38 13.02
CA GLU B 195 7.14 -13.36 14.07
C GLU B 195 8.52 -13.31 14.77
N ASN B 196 8.86 -12.16 15.35
CA ASN B 196 10.12 -12.02 16.10
C ASN B 196 11.38 -12.15 15.23
N LEU B 197 11.23 -11.84 13.95
CA LEU B 197 12.28 -12.10 12.97
C LEU B 197 13.52 -11.24 13.23
N GLU B 198 13.31 -10.01 13.74
CA GLU B 198 14.43 -9.13 14.09
C GLU B 198 15.36 -9.70 15.16
N GLU B 199 14.86 -10.60 16.01
CA GLU B 199 15.69 -11.23 17.05
C GLU B 199 16.77 -12.11 16.44
N LEU B 200 16.59 -12.53 15.19
CA LEU B 200 17.58 -13.39 14.53
C LEU B 200 19.00 -12.79 14.53
N LYS B 201 19.07 -11.45 14.55
CA LYS B 201 20.33 -10.72 14.62
C LYS B 201 21.17 -11.15 15.81
N GLU B 202 20.51 -11.51 16.90
CA GLU B 202 21.21 -11.86 18.10
C GLU B 202 21.29 -13.36 18.41
N TRP B 203 20.91 -14.21 17.44
CA TRP B 203 21.22 -15.64 17.50
C TRP B 203 22.69 -15.95 17.18
N GLY B 204 23.15 -17.11 17.62
CA GLY B 204 24.44 -17.66 17.19
C GLY B 204 24.39 -18.00 15.70
N GLU B 205 25.54 -17.89 15.03
CA GLU B 205 25.68 -18.19 13.61
C GLU B 205 25.06 -19.53 13.24
N GLU B 206 25.39 -20.56 14.01
CA GLU B 206 25.01 -21.93 13.68
C GLU B 206 23.50 -22.08 13.76
N GLU B 207 22.90 -21.56 14.82
CA GLU B 207 21.46 -21.62 15.01
C GLU B 207 20.69 -20.80 13.96
N ALA B 208 21.15 -19.58 13.71
CA ALA B 208 20.54 -18.74 12.64
C ALA B 208 20.62 -19.46 11.30
N TYR B 209 21.76 -20.12 11.03
CA TYR B 209 21.96 -20.82 9.76
C TYR B 209 20.95 -21.96 9.61
N GLU B 210 20.71 -22.68 10.71
CA GLU B 210 19.81 -23.83 10.67
C GLU B 210 18.39 -23.32 10.45
N TYR B 211 18.04 -22.25 11.15
CA TYR B 211 16.75 -21.59 10.96
C TYR B 211 16.52 -21.13 9.51
N LEU B 212 17.47 -20.36 8.99
CA LEU B 212 17.36 -19.85 7.62
C LEU B 212 17.18 -20.97 6.56
N THR B 213 18.03 -21.98 6.63
CA THR B 213 17.99 -23.10 5.69
C THR B 213 16.81 -24.05 5.90
N SER B 214 16.13 -23.95 7.05
CA SER B 214 14.89 -24.75 7.29
C SER B 214 13.74 -24.38 6.31
N PHE B 215 13.84 -23.20 5.70
CA PHE B 215 12.87 -22.79 4.69
C PHE B 215 13.18 -23.43 3.33
N LYS B 216 12.17 -24.08 2.75
CA LYS B 216 12.31 -24.64 1.39
C LYS B 216 12.53 -23.51 0.41
N GLY B 217 13.72 -23.51 -0.19
CA GLY B 217 14.10 -22.48 -1.15
C GLY B 217 15.21 -21.57 -0.63
N ILE B 218 15.52 -21.66 0.66
CA ILE B 218 16.71 -20.98 1.21
C ILE B 218 17.78 -22.00 1.45
N GLY B 219 18.87 -21.89 0.72
CA GLY B 219 20.00 -22.79 0.97
C GLY B 219 21.23 -22.08 1.48
N ARG B 220 22.37 -22.75 1.35
CA ARG B 220 23.62 -22.28 1.92
C ARG B 220 23.98 -20.86 1.49
N TRP B 221 23.98 -20.60 0.19
CA TRP B 221 24.38 -19.28 -0.31
C TRP B 221 23.48 -18.18 0.25
N THR B 222 22.16 -18.31 0.05
CA THR B 222 21.23 -17.30 0.55
C THR B 222 21.39 -17.12 2.09
N ALA B 223 21.47 -18.23 2.84
CA ALA B 223 21.62 -18.13 4.31
C ALA B 223 22.95 -17.40 4.66
N GLU B 224 24.04 -17.74 3.96
CA GLU B 224 25.35 -17.17 4.30
C GLU B 224 25.44 -15.71 3.92
N LEU B 225 24.71 -15.35 2.87
CA LEU B 225 24.62 -13.96 2.46
C LEU B 225 23.82 -13.16 3.50
N VAL B 226 22.69 -13.71 3.96
CA VAL B 226 21.95 -13.09 5.06
C VAL B 226 22.81 -12.95 6.32
N LEU B 227 23.47 -14.05 6.72
CA LEU B 227 24.26 -14.03 7.95
C LEU B 227 25.31 -12.92 7.87
N SER B 228 26.02 -12.83 6.75
CA SER B 228 27.08 -11.84 6.62
C SER B 228 26.56 -10.43 6.39
N MET B 229 25.68 -10.29 5.40
N MET B 229 25.68 -10.27 5.42
CA MET B 229 25.32 -8.99 4.90
CA MET B 229 25.33 -8.95 4.95
C MET B 229 24.22 -8.33 5.76
C MET B 229 24.15 -8.32 5.67
N ALA B 230 23.33 -9.14 6.32
CA ALA B 230 22.19 -8.62 7.03
C ALA B 230 22.33 -8.77 8.56
N LEU B 231 23.02 -9.81 9.03
CA LEU B 231 23.07 -10.09 10.48
C LEU B 231 24.39 -9.71 11.11
N GLY B 232 25.35 -9.33 10.27
CA GLY B 232 26.67 -8.87 10.72
C GLY B 232 27.51 -9.98 11.35
N LYS B 233 27.24 -11.23 10.98
CA LYS B 233 28.04 -12.37 11.51
C LYS B 233 29.19 -12.69 10.57
N ASN B 234 30.31 -13.14 11.14
CA ASN B 234 31.49 -13.52 10.37
C ASN B 234 31.35 -14.89 9.69
N VAL B 235 30.41 -14.98 8.77
CA VAL B 235 30.12 -16.18 7.99
C VAL B 235 30.42 -15.79 6.54
N PHE B 236 31.33 -16.50 5.89
CA PHE B 236 31.79 -16.04 4.57
C PHE B 236 31.06 -16.78 3.44
N PRO B 237 30.26 -16.06 2.60
CA PRO B 237 29.44 -16.72 1.56
C PRO B 237 30.26 -17.13 0.31
N ALA B 238 31.00 -18.23 0.42
CA ALA B 238 31.97 -18.65 -0.58
C ALA B 238 31.34 -19.20 -1.87
N ASP B 239 30.06 -19.55 -1.82
CA ASP B 239 29.28 -19.87 -3.04
C ASP B 239 28.97 -18.69 -3.97
N ASP B 240 29.07 -17.48 -3.44
CA ASP B 240 28.72 -16.28 -4.21
C ASP B 240 29.70 -16.18 -5.38
N LEU B 241 29.16 -16.02 -6.59
CA LEU B 241 29.98 -16.06 -7.81
C LEU B 241 30.92 -14.86 -7.94
N GLY B 242 30.47 -13.72 -7.44
CA GLY B 242 31.30 -12.52 -7.39
C GLY B 242 32.46 -12.67 -6.43
N VAL B 243 32.17 -13.26 -5.27
CA VAL B 243 33.19 -13.66 -4.30
C VAL B 243 34.19 -14.63 -4.93
N ARG B 244 33.69 -15.68 -5.61
CA ARG B 244 34.59 -16.63 -6.26
C ARG B 244 35.46 -15.93 -7.32
N ARG B 245 34.86 -15.07 -8.13
CA ARG B 245 35.58 -14.30 -9.15
C ARG B 245 36.68 -13.44 -8.50
N ALA B 246 36.30 -12.64 -7.50
CA ALA B 246 37.23 -11.74 -6.80
C ALA B 246 38.41 -12.49 -6.17
N VAL B 247 38.13 -13.52 -5.37
CA VAL B 247 39.19 -14.36 -4.76
C VAL B 247 40.09 -15.10 -5.76
N SER B 248 39.47 -15.59 -6.84
CA SER B 248 40.22 -16.28 -7.88
C SER B 248 41.17 -15.33 -8.62
N ARG B 249 40.71 -14.12 -8.89
CA ARG B 249 41.55 -13.08 -9.50
C ARG B 249 42.73 -12.68 -8.59
N LEU B 250 42.45 -12.45 -7.30
CA LEU B 250 43.49 -12.05 -6.35
C LEU B 250 44.52 -13.14 -6.09
N TYR B 251 44.06 -14.37 -5.90
CA TYR B 251 44.97 -15.40 -5.41
C TYR B 251 45.34 -16.51 -6.40
N PHE B 252 44.63 -16.61 -7.52
CA PHE B 252 44.80 -17.76 -8.44
C PHE B 252 44.91 -17.36 -9.91
N ASN B 253 45.38 -16.13 -10.13
CA ASN B 253 45.74 -15.62 -11.46
C ASN B 253 44.55 -15.56 -12.39
N GLY B 254 43.37 -15.49 -11.79
CA GLY B 254 42.12 -15.37 -12.53
C GLY B 254 41.52 -16.71 -12.90
N GLU B 255 42.16 -17.81 -12.51
CA GLU B 255 41.60 -19.14 -12.76
C GLU B 255 40.49 -19.39 -11.73
N ILE B 256 39.25 -19.46 -12.21
CA ILE B 256 38.11 -19.63 -11.31
C ILE B 256 38.25 -20.86 -10.41
N GLN B 257 38.15 -20.63 -9.10
CA GLN B 257 38.17 -21.72 -8.11
C GLN B 257 36.76 -22.07 -7.60
N SER B 258 36.68 -23.23 -6.98
CA SER B 258 35.48 -23.72 -6.31
C SER B 258 35.18 -22.94 -5.03
N ALA B 259 33.92 -23.02 -4.60
CA ALA B 259 33.50 -22.48 -3.31
C ALA B 259 34.33 -23.07 -2.17
N GLU B 260 34.60 -24.37 -2.23
CA GLU B 260 35.39 -25.04 -1.18
C GLU B 260 36.80 -24.43 -1.01
N LYS B 261 37.45 -24.13 -2.14
CA LYS B 261 38.80 -23.58 -2.18
C LYS B 261 38.79 -22.14 -1.69
N VAL B 262 37.79 -21.40 -2.11
CA VAL B 262 37.58 -20.01 -1.66
C VAL B 262 37.29 -19.93 -0.16
N ARG B 263 36.44 -20.84 0.33
CA ARG B 263 36.12 -20.96 1.75
C ARG B 263 37.37 -21.23 2.59
N GLU B 264 38.26 -22.06 2.03
CA GLU B 264 39.56 -22.37 2.63
C GLU B 264 40.48 -21.15 2.74
N ILE B 265 40.65 -20.43 1.64
CA ILE B 265 41.35 -19.13 1.60
C ILE B 265 40.82 -18.21 2.72
N ALA B 266 39.49 -18.06 2.77
CA ALA B 266 38.86 -17.21 3.80
C ALA B 266 39.28 -17.60 5.21
N ARG B 267 39.22 -18.89 5.53
CA ARG B 267 39.61 -19.45 6.82
C ARG B 267 41.06 -19.11 7.11
N GLU B 268 41.93 -19.41 6.16
CA GLU B 268 43.38 -19.24 6.38
C GLU B 268 43.85 -17.78 6.43
N ARG B 269 43.31 -16.94 5.56
CA ARG B 269 43.85 -15.60 5.33
C ARG B 269 42.97 -14.45 5.81
N PHE B 270 41.66 -14.68 5.92
CA PHE B 270 40.73 -13.55 6.28
C PHE B 270 40.37 -13.53 7.75
N GLY B 271 40.38 -14.71 8.35
CA GLY B 271 40.16 -14.87 9.81
C GLY B 271 38.94 -14.11 10.34
N ARG B 272 39.15 -13.37 11.42
CA ARG B 272 38.07 -12.66 12.09
C ARG B 272 37.54 -11.46 11.30
N PHE B 273 38.23 -11.12 10.20
CA PHE B 273 37.87 -9.96 9.42
C PHE B 273 37.23 -10.35 8.09
N ALA B 274 36.86 -11.64 7.96
CA ALA B 274 36.28 -12.14 6.72
C ALA B 274 35.07 -11.31 6.26
N ARG B 275 34.20 -10.92 7.19
CA ARG B 275 32.98 -10.18 6.83
C ARG B 275 33.31 -8.79 6.27
N ASP B 276 34.35 -8.17 6.80
CA ASP B 276 34.80 -6.87 6.31
C ASP B 276 35.42 -6.99 4.93
N ILE B 277 36.31 -7.99 4.77
CA ILE B 277 36.98 -8.24 3.50
C ILE B 277 35.96 -8.56 2.41
N LEU B 278 34.88 -9.26 2.76
CA LEU B 278 33.79 -9.55 1.84
C LEU B 278 33.32 -8.29 1.09
N PHE B 279 33.17 -7.17 1.81
CA PHE B 279 32.73 -5.92 1.17
C PHE B 279 33.77 -5.40 0.18
N TYR B 280 35.05 -5.48 0.54
CA TYR B 280 36.15 -5.09 -0.38
C TYR B 280 36.16 -6.00 -1.60
N LEU B 281 35.83 -7.27 -1.38
CA LEU B 281 35.78 -8.22 -2.48
C LEU B 281 34.65 -7.93 -3.47
N PHE B 282 33.47 -7.59 -2.97
CA PHE B 282 32.36 -7.15 -3.84
C PHE B 282 32.74 -5.87 -4.64
N LEU B 283 33.34 -4.89 -3.97
CA LEU B 283 33.82 -3.69 -4.68
C LEU B 283 34.80 -4.07 -5.79
N TYR B 284 35.75 -4.94 -5.45
CA TYR B 284 36.75 -5.40 -6.41
C TYR B 284 36.12 -6.07 -7.62
N ASP B 285 35.13 -6.94 -7.37
CA ASP B 285 34.41 -7.66 -8.43
C ASP B 285 33.63 -6.73 -9.36
N ARG B 286 32.90 -5.78 -8.78
N ARG B 286 32.88 -5.80 -8.77
CA ARG B 286 32.06 -4.86 -9.56
CA ARG B 286 32.08 -4.84 -9.53
C ARG B 286 32.84 -3.99 -10.53
C ARG B 286 32.92 -4.10 -10.55
N PHE B 287 33.92 -3.39 -10.05
CA PHE B 287 34.69 -2.48 -10.87
C PHE B 287 35.70 -3.21 -11.76
N PHE B 288 36.32 -4.23 -11.19
CA PHE B 288 37.41 -4.92 -11.89
C PHE B 288 37.07 -6.37 -12.23
N SER B 289 35.89 -6.53 -12.86
CA SER B 289 35.36 -7.81 -13.37
C SER B 289 33.86 -7.70 -13.61
N LEU B 294 38.56 -8.74 -24.57
CA LEU B 294 38.90 -8.87 -25.98
C LEU B 294 38.73 -10.31 -26.51
N VAL B 295 38.19 -10.42 -27.72
CA VAL B 295 37.94 -11.73 -28.36
C VAL B 295 39.08 -12.14 -29.30
#